data_3DFA
#
_entry.id   3DFA
#
_cell.length_a   69.447
_cell.length_b   69.447
_cell.length_c   137.414
_cell.angle_alpha   90.000
_cell.angle_beta   90.000
_cell.angle_gamma   90.000
#
_symmetry.space_group_name_H-M   'P 43 21 2'
#
loop_
_entity.id
_entity.type
_entity.pdbx_description
1 polymer 'Calcium-dependent protein kinase cgd3_920'
2 water water
#
_entity_poly.entity_id   1
_entity_poly.type   'polypeptide(L)'
_entity_poly.pdbx_seq_one_letter_code
;MHHHHHHSSGRENLYFQGTFAERYNIVCMLGKGSFGEVLKCKDRITQQEYAVKVINKASAKNKDTSTILREVELLKKLDH
PNIMKLFEILEDSSSFYIVGELYTGGELFDEIIKRKRFSEHDAARIIKQVFSGITYMHKHNIVHRDLKPENILLESKEKD
CDIKIIDFGLSTCFQQNTKMKDRIGTAYYIAPEVLRGTYDEKCDVWSAGVILYILLSGTPPFYGKNEYDILKRVETGKYA
FDLPQWRTISDDAKDLIRKMLTFHPSLRITATQCLEHPWIQKYSSE
;
_entity_poly.pdbx_strand_id   A
#
# COMPACT_ATOMS: atom_id res chain seq x y z
N TYR A 15 -7.32 -10.84 -35.50
CA TYR A 15 -6.86 -10.90 -34.08
C TYR A 15 -7.53 -9.86 -33.19
N PHE A 16 -8.24 -8.91 -33.80
CA PHE A 16 -9.00 -7.86 -33.10
C PHE A 16 -8.37 -7.40 -31.78
N GLN A 17 -7.09 -7.06 -31.84
CA GLN A 17 -6.32 -6.63 -30.67
C GLN A 17 -6.74 -5.22 -30.23
N GLY A 18 -6.45 -4.89 -28.98
CA GLY A 18 -6.85 -3.61 -28.40
C GLY A 18 -5.86 -2.48 -28.63
N THR A 19 -6.06 -1.38 -27.90
CA THR A 19 -5.17 -0.23 -27.96
C THR A 19 -3.81 -0.52 -27.32
N PHE A 20 -3.79 -1.54 -26.45
CA PHE A 20 -2.60 -1.97 -25.75
C PHE A 20 -1.60 -2.69 -26.66
N ALA A 21 -2.07 -3.72 -27.36
CA ALA A 21 -1.21 -4.57 -28.21
C ALA A 21 -0.57 -3.81 -29.37
N GLU A 22 -1.24 -2.76 -29.84
CA GLU A 22 -0.72 -1.90 -30.91
C GLU A 22 0.38 -0.98 -30.39
N ARG A 23 0.28 -0.63 -29.11
CA ARG A 23 1.19 0.33 -28.48
C ARG A 23 2.34 -0.38 -27.74
N TYR A 24 2.06 -1.55 -27.19
CA TYR A 24 3.04 -2.34 -26.44
C TYR A 24 3.08 -3.81 -26.86
N ASN A 25 4.20 -4.47 -26.61
CA ASN A 25 4.29 -5.94 -26.68
C ASN A 25 5.16 -6.48 -25.55
N ILE A 26 4.59 -7.42 -24.79
CA ILE A 26 5.20 -7.93 -23.56
C ILE A 26 6.61 -8.47 -23.76
N VAL A 27 7.50 -8.12 -22.83
CA VAL A 27 8.86 -8.64 -22.82
C VAL A 27 8.90 -9.96 -22.04
N CYS A 28 8.35 -9.93 -20.83
CA CYS A 28 8.29 -11.10 -19.95
C CYS A 28 7.25 -10.93 -18.83
N MET A 29 6.97 -12.01 -18.11
CA MET A 29 6.09 -11.96 -16.95
C MET A 29 6.90 -11.53 -15.71
N LEU A 30 6.37 -10.55 -14.98
CA LEU A 30 7.04 -10.03 -13.79
C LEU A 30 6.62 -10.76 -12.51
N GLY A 31 5.43 -11.37 -12.53
CA GLY A 31 4.91 -12.10 -11.39
C GLY A 31 3.47 -11.75 -11.08
N LYS A 32 2.78 -12.66 -10.41
CA LYS A 32 1.39 -12.45 -10.01
C LYS A 32 1.28 -11.29 -9.01
N GLY A 33 0.30 -10.42 -9.22
CA GLY A 33 0.06 -9.29 -8.32
C GLY A 33 -1.23 -9.42 -7.54
N SER A 34 -1.60 -8.37 -6.82
CA SER A 34 -2.83 -8.35 -6.05
C SER A 34 -4.07 -8.26 -6.93
N PHE A 35 -3.90 -7.76 -8.16
CA PHE A 35 -5.02 -7.52 -9.09
C PHE A 35 -5.06 -8.45 -10.31
N GLY A 36 -3.98 -9.19 -10.52
CA GLY A 36 -3.86 -10.07 -11.68
C GLY A 36 -2.41 -10.30 -12.02
N GLU A 37 -2.13 -10.64 -13.27
CA GLU A 37 -0.75 -10.80 -13.74
C GLU A 37 -0.08 -9.44 -13.91
N VAL A 38 1.21 -9.38 -13.57
CA VAL A 38 2.02 -8.17 -13.79
C VAL A 38 3.07 -8.47 -14.86
N LEU A 39 3.09 -7.64 -15.90
CA LEU A 39 3.96 -7.84 -17.06
C LEU A 39 4.99 -6.73 -17.23
N LYS A 40 6.14 -7.09 -17.79
CA LYS A 40 7.13 -6.11 -18.23
C LYS A 40 6.92 -5.87 -19.72
N CYS A 41 6.61 -4.63 -20.07
CA CYS A 41 6.29 -4.27 -21.46
C CYS A 41 7.21 -3.19 -22.00
N LYS A 42 7.43 -3.23 -23.31
CA LYS A 42 8.12 -2.17 -24.02
C LYS A 42 7.13 -1.41 -24.89
N ASP A 43 7.29 -0.08 -24.92
CA ASP A 43 6.56 0.77 -25.84
C ASP A 43 7.10 0.48 -27.25
N ARG A 44 6.20 0.34 -28.22
CA ARG A 44 6.59 -0.02 -29.59
C ARG A 44 7.26 1.13 -30.33
N ILE A 45 7.00 2.35 -29.89
CA ILE A 45 7.56 3.55 -30.53
C ILE A 45 8.78 4.08 -29.76
N THR A 46 8.57 4.49 -28.51
CA THR A 46 9.64 5.11 -27.70
C THR A 46 10.66 4.08 -27.17
N GLN A 47 10.23 2.83 -27.04
CA GLN A 47 11.08 1.69 -26.60
C GLN A 47 11.43 1.69 -25.11
N GLN A 48 10.79 2.57 -24.33
CA GLN A 48 10.95 2.60 -22.88
C GLN A 48 10.18 1.44 -22.26
N GLU A 49 10.63 0.96 -21.11
CA GLU A 49 10.02 -0.20 -20.46
C GLU A 49 9.13 0.16 -19.28
N TYR A 50 8.02 -0.56 -19.14
CA TYR A 50 7.02 -0.27 -18.10
C TYR A 50 6.50 -1.54 -17.45
N ALA A 51 6.01 -1.41 -16.22
CA ALA A 51 5.37 -2.51 -15.50
C ALA A 51 3.86 -2.39 -15.65
N VAL A 52 3.27 -3.33 -16.39
CA VAL A 52 1.85 -3.26 -16.74
C VAL A 52 1.02 -4.31 -15.99
N LYS A 53 0.00 -3.84 -15.27
CA LYS A 53 -0.91 -4.72 -14.57
C LYS A 53 -2.13 -5.06 -15.44
N VAL A 54 -2.25 -6.35 -15.78
CA VAL A 54 -3.40 -6.85 -16.53
C VAL A 54 -4.52 -7.17 -15.55
N ILE A 55 -5.64 -6.47 -15.66
CA ILE A 55 -6.75 -6.65 -14.75
C ILE A 55 -8.01 -7.05 -15.50
N ASN A 56 -8.52 -8.24 -15.22
CA ASN A 56 -9.75 -8.73 -15.84
C ASN A 56 -10.92 -7.75 -15.64
N LYS A 57 -11.65 -7.48 -16.72
CA LYS A 57 -12.73 -6.50 -16.67
C LYS A 57 -13.86 -6.85 -15.70
N ALA A 58 -13.99 -8.14 -15.38
CA ALA A 58 -14.95 -8.61 -14.38
C ALA A 58 -14.57 -8.17 -12.96
N SER A 59 -13.31 -7.76 -12.78
CA SER A 59 -12.83 -7.29 -11.49
C SER A 59 -13.14 -5.80 -11.25
N ALA A 60 -13.72 -5.15 -12.27
CA ALA A 60 -14.17 -3.76 -12.16
C ALA A 60 -15.25 -3.63 -11.09
N LYS A 61 -15.10 -2.64 -10.21
CA LYS A 61 -16.03 -2.44 -9.10
C LYS A 61 -17.22 -1.58 -9.53
N ASN A 62 -17.03 -0.84 -10.61
CA ASN A 62 -18.06 0.04 -11.14
C ASN A 62 -18.44 -0.38 -12.56
N LYS A 63 -19.74 -0.61 -12.77
CA LYS A 63 -20.27 -1.04 -14.07
C LYS A 63 -20.10 0.03 -15.15
N ASP A 64 -20.08 1.29 -14.72
CA ASP A 64 -19.80 2.42 -15.59
C ASP A 64 -18.29 2.60 -15.73
N THR A 65 -17.74 2.07 -16.82
CA THR A 65 -16.31 2.15 -17.11
C THR A 65 -15.78 3.59 -17.08
N SER A 66 -16.57 4.54 -17.57
CA SER A 66 -16.11 5.93 -17.70
C SER A 66 -15.73 6.52 -16.34
N THR A 67 -16.48 6.12 -15.31
CA THR A 67 -16.19 6.52 -13.94
C THR A 67 -14.79 6.06 -13.51
N ILE A 68 -14.46 4.82 -13.82
CA ILE A 68 -13.13 4.25 -13.57
C ILE A 68 -12.04 4.98 -14.36
N LEU A 69 -12.29 5.26 -15.64
CA LEU A 69 -11.30 5.97 -16.47
C LEU A 69 -11.01 7.37 -15.93
N ARG A 70 -12.00 7.95 -15.26
CA ARG A 70 -11.92 9.27 -14.63
C ARG A 70 -11.09 9.25 -13.35
N GLU A 71 -11.32 8.24 -12.49
CA GLU A 71 -10.49 8.04 -11.30
C GLU A 71 -9.02 7.92 -11.69
N VAL A 72 -8.75 7.04 -12.65
CA VAL A 72 -7.38 6.78 -13.11
C VAL A 72 -6.78 8.06 -13.69
N GLU A 73 -7.57 8.79 -14.48
CA GLU A 73 -7.12 10.05 -15.06
C GLU A 73 -6.62 11.01 -13.98
N LEU A 74 -7.40 11.16 -12.91
CA LEU A 74 -7.00 11.96 -11.76
C LEU A 74 -5.68 11.46 -11.14
N LEU A 75 -5.50 10.14 -11.08
CA LEU A 75 -4.26 9.53 -10.56
C LEU A 75 -3.06 9.77 -11.48
N LYS A 76 -3.31 9.84 -12.78
CA LYS A 76 -2.24 10.08 -13.76
C LYS A 76 -1.66 11.48 -13.60
N LYS A 77 -2.48 12.42 -13.16
CA LYS A 77 -2.08 13.82 -13.00
C LYS A 77 -1.23 14.03 -11.75
N LEU A 78 -1.34 13.11 -10.79
CA LEU A 78 -0.60 13.18 -9.53
C LEU A 78 0.86 12.80 -9.67
N ASP A 79 1.68 13.35 -8.77
CA ASP A 79 3.13 13.18 -8.84
C ASP A 79 3.80 13.41 -7.49
N HIS A 80 4.40 12.36 -6.94
CA HIS A 80 5.10 12.43 -5.66
C HIS A 80 6.23 11.40 -5.59
N PRO A 81 7.44 11.83 -5.16
CA PRO A 81 8.61 10.95 -5.12
C PRO A 81 8.37 9.56 -4.50
N ASN A 82 7.44 9.47 -3.54
CA ASN A 82 7.16 8.23 -2.82
C ASN A 82 5.88 7.51 -3.30
N ILE A 83 5.38 7.92 -4.47
CA ILE A 83 4.20 7.33 -5.06
C ILE A 83 4.51 6.79 -6.46
N MET A 84 4.31 5.48 -6.64
CA MET A 84 4.51 4.86 -7.94
C MET A 84 3.67 5.57 -8.98
N LYS A 85 4.30 5.89 -10.11
CA LYS A 85 3.66 6.68 -11.15
C LYS A 85 2.76 5.78 -12.00
N LEU A 86 1.54 6.25 -12.22
CA LEU A 86 0.61 5.58 -13.10
C LEU A 86 0.55 6.38 -14.39
N PHE A 87 1.01 5.77 -15.48
CA PHE A 87 1.18 6.46 -16.76
C PHE A 87 -0.08 6.49 -17.62
N GLU A 88 -0.66 5.32 -17.86
CA GLU A 88 -1.94 5.25 -18.59
C GLU A 88 -2.74 3.96 -18.32
N ILE A 89 -3.99 3.97 -18.77
CA ILE A 89 -4.89 2.81 -18.66
C ILE A 89 -5.41 2.47 -20.06
N LEU A 90 -5.24 1.22 -20.45
CA LEU A 90 -5.70 0.76 -21.78
C LEU A 90 -6.64 -0.44 -21.67
N GLU A 91 -7.32 -0.76 -22.76
CA GLU A 91 -8.38 -1.77 -22.74
C GLU A 91 -8.27 -2.84 -23.80
N ASP A 92 -8.62 -4.07 -23.41
CA ASP A 92 -8.88 -5.18 -24.32
C ASP A 92 -10.38 -5.38 -24.39
N SER A 93 -10.80 -6.45 -25.05
CA SER A 93 -12.16 -6.94 -24.92
C SER A 93 -12.34 -7.57 -23.52
N SER A 94 -11.26 -8.14 -23.00
CA SER A 94 -11.32 -8.91 -21.76
C SER A 94 -10.78 -8.19 -20.51
N SER A 95 -9.81 -7.29 -20.69
CA SER A 95 -9.09 -6.74 -19.54
C SER A 95 -8.62 -5.30 -19.64
N PHE A 96 -8.30 -4.73 -18.49
CA PHE A 96 -7.64 -3.42 -18.39
C PHE A 96 -6.14 -3.58 -18.27
N TYR A 97 -5.41 -2.57 -18.71
CA TYR A 97 -3.96 -2.56 -18.62
C TYR A 97 -3.48 -1.28 -17.96
N ILE A 98 -2.99 -1.42 -16.74
CA ILE A 98 -2.46 -0.29 -15.98
C ILE A 98 -0.96 -0.16 -16.23
N VAL A 99 -0.59 0.86 -16.99
CA VAL A 99 0.81 1.08 -17.34
C VAL A 99 1.45 1.95 -16.26
N GLY A 100 2.38 1.36 -15.51
CA GLY A 100 3.09 2.08 -14.46
C GLY A 100 4.62 1.95 -14.50
N GLU A 101 5.25 2.52 -13.47
CA GLU A 101 6.70 2.48 -13.29
C GLU A 101 7.26 1.07 -13.12
N LEU A 102 8.37 0.81 -13.80
CA LEU A 102 9.15 -0.41 -13.59
C LEU A 102 10.13 -0.14 -12.45
N TYR A 103 10.20 -1.05 -11.49
CA TYR A 103 11.06 -0.85 -10.30
C TYR A 103 11.62 -2.16 -9.72
N THR A 104 12.86 -2.10 -9.24
CA THR A 104 13.50 -3.22 -8.55
C THR A 104 14.22 -2.75 -7.29
N GLY A 106 12.77 -4.77 -4.76
CA GLY A 106 12.00 -5.71 -3.96
C GLY A 106 11.06 -5.04 -2.97
N GLU A 107 10.15 -5.82 -2.38
CA GLU A 107 9.15 -5.29 -1.45
C GLU A 107 9.72 -5.06 -0.06
N LEU A 108 9.14 -4.11 0.67
CA LEU A 108 9.48 -3.89 2.08
C LEU A 108 9.24 -5.15 2.92
N PHE A 109 8.27 -5.96 2.48
CA PHE A 109 8.01 -7.27 3.10
C PHE A 109 9.23 -8.16 3.10
N ASP A 110 9.92 -8.24 1.96
CA ASP A 110 11.14 -9.05 1.83
C ASP A 110 12.25 -8.54 2.75
N GLU A 111 12.27 -7.24 2.96
CA GLU A 111 13.25 -6.62 3.85
C GLU A 111 12.94 -6.93 5.32
N ILE A 112 11.67 -7.00 5.67
CA ILE A 112 11.25 -7.39 7.02
C ILE A 112 11.73 -8.81 7.34
N ILE A 113 11.52 -9.75 6.41
CA ILE A 113 12.03 -11.11 6.56
C ILE A 113 13.54 -11.12 6.78
N LYS A 114 14.27 -10.31 6.01
CA LYS A 114 15.73 -10.29 6.04
C LYS A 114 16.31 -9.70 7.33
N ARG A 115 15.87 -8.50 7.69
CA ARG A 115 16.40 -7.80 8.86
C ARG A 115 15.76 -8.23 10.17
N LYS A 116 14.56 -8.80 10.10
CA LYS A 116 13.75 -9.18 11.28
C LYS A 116 13.19 -7.96 12.01
N ARG A 117 14.09 -7.04 12.38
CA ARG A 117 13.73 -5.80 13.05
C ARG A 117 14.55 -4.64 12.47
N PHE A 118 14.05 -3.43 12.65
CA PHE A 118 14.73 -2.23 12.20
C PHE A 118 15.05 -1.37 13.41
N SER A 119 16.21 -0.70 13.38
CA SER A 119 16.52 0.30 14.39
C SER A 119 15.57 1.49 14.26
N GLU A 120 15.40 2.24 15.33
CA GLU A 120 14.49 3.39 15.33
C GLU A 120 14.85 4.41 14.24
N HIS A 121 16.16 4.62 14.05
CA HIS A 121 16.72 5.48 13.01
C HIS A 121 16.35 5.01 11.61
N ASP A 122 16.65 3.73 11.31
CA ASP A 122 16.36 3.15 9.99
C ASP A 122 14.85 3.07 9.71
N ALA A 123 14.09 2.73 10.74
CA ALA A 123 12.64 2.67 10.61
C ALA A 123 12.04 4.06 10.33
N ALA A 124 12.54 5.06 11.04
CA ALA A 124 12.04 6.43 10.90
C ALA A 124 12.23 6.98 9.49
N ARG A 125 13.39 6.71 8.89
CA ARG A 125 13.67 7.20 7.54
C ARG A 125 12.72 6.57 6.51
N ILE A 126 12.50 5.27 6.65
CA ILE A 126 11.60 4.52 5.79
C ILE A 126 10.15 5.00 5.89
N ILE A 127 9.64 5.09 7.12
CA ILE A 127 8.22 5.39 7.34
C ILE A 127 7.89 6.87 7.11
N LYS A 128 8.87 7.75 7.25
CA LYS A 128 8.71 9.17 6.95
C LYS A 128 8.34 9.35 5.47
N GLN A 129 9.05 8.62 4.62
CA GLN A 129 8.77 8.62 3.18
C GLN A 129 7.37 8.09 2.90
N VAL A 130 6.98 7.06 3.63
CA VAL A 130 5.61 6.51 3.56
C VAL A 130 4.58 7.58 3.94
N PHE A 131 4.87 8.35 4.98
CA PHE A 131 4.00 9.44 5.44
C PHE A 131 3.92 10.55 4.41
N SER A 132 5.06 10.89 3.82
CA SER A 132 5.11 11.92 2.80
C SER A 132 4.18 11.59 1.64
N GLY A 133 4.21 10.34 1.21
CA GLY A 133 3.36 9.85 0.12
C GLY A 133 1.89 9.88 0.49
N ILE A 134 1.55 9.30 1.64
CA ILE A 134 0.19 9.28 2.16
C ILE A 134 -0.39 10.69 2.29
N THR A 135 0.38 11.58 2.93
CA THR A 135 0.00 12.99 3.08
C THR A 135 -0.40 13.60 1.73
N TYR A 136 0.44 13.41 0.73
CA TYR A 136 0.22 13.99 -0.59
C TYR A 136 -1.03 13.44 -1.24
N MET A 137 -1.26 12.13 -1.12
CA MET A 137 -2.43 11.51 -1.72
C MET A 137 -3.71 11.91 -0.97
N HIS A 138 -3.61 12.02 0.35
CA HIS A 138 -4.74 12.40 1.21
C HIS A 138 -5.18 13.84 0.99
N LYS A 139 -4.24 14.69 0.60
CA LYS A 139 -4.53 16.07 0.22
C LYS A 139 -5.43 16.09 -1.02
N HIS A 140 -5.32 15.04 -1.84
CA HIS A 140 -6.11 14.89 -3.04
C HIS A 140 -7.25 13.88 -2.87
N ASN A 141 -7.63 13.63 -1.60
CA ASN A 141 -8.77 12.77 -1.25
C ASN A 141 -8.63 11.29 -1.65
N ILE A 142 -7.40 10.89 -1.99
CA ILE A 142 -7.17 9.52 -2.45
C ILE A 142 -6.68 8.62 -1.30
N VAL A 143 -7.49 7.61 -1.00
CA VAL A 143 -7.22 6.65 0.08
C VAL A 143 -6.70 5.33 -0.51
N HIS A 144 -5.60 4.81 0.04
CA HIS A 144 -5.05 3.55 -0.46
C HIS A 144 -5.94 2.37 -0.09
N ARG A 145 -6.24 2.22 1.20
CA ARG A 145 -7.12 1.16 1.75
C ARG A 145 -6.46 -0.20 1.92
N ASP A 146 -5.32 -0.41 1.27
CA ASP A 146 -4.67 -1.72 1.32
C ASP A 146 -3.15 -1.59 1.53
N LEU A 147 -2.75 -0.61 2.34
CA LEU A 147 -1.35 -0.40 2.67
C LEU A 147 -0.75 -1.58 3.43
N LYS A 148 0.24 -2.22 2.80
CA LYS A 148 0.99 -3.32 3.41
C LYS A 148 2.45 -3.27 2.94
N PRO A 149 3.37 -3.96 3.64
CA PRO A 149 4.78 -3.95 3.25
C PRO A 149 4.99 -4.50 1.83
N GLU A 150 4.08 -5.38 1.39
CA GLU A 150 4.09 -5.90 0.02
C GLU A 150 3.80 -4.81 -1.02
N ASN A 151 3.15 -3.74 -0.59
CA ASN A 151 2.81 -2.61 -1.45
C ASN A 151 3.79 -1.42 -1.35
N ILE A 152 4.92 -1.65 -0.69
CA ILE A 152 5.96 -0.63 -0.56
C ILE A 152 7.25 -1.21 -1.12
N LEU A 153 7.79 -0.54 -2.13
CA LEU A 153 9.01 -1.01 -2.79
C LEU A 153 10.26 -0.25 -2.38
N LEU A 154 11.41 -0.91 -2.50
CA LEU A 154 12.73 -0.34 -2.17
C LEU A 154 13.66 -0.46 -3.38
N LYS A 159 19.58 -1.77 -4.37
CA LYS A 159 18.76 -0.91 -3.52
C LYS A 159 19.62 -0.01 -2.63
N ASP A 160 19.03 1.09 -2.15
CA ASP A 160 19.74 2.04 -1.29
C ASP A 160 18.88 2.59 -0.13
N CYS A 161 17.89 3.43 -0.43
CA CYS A 161 17.11 4.13 0.62
C CYS A 161 15.66 4.49 0.25
N ASP A 162 15.37 4.57 -1.05
CA ASP A 162 14.11 5.16 -1.56
C ASP A 162 12.92 4.20 -1.55
N ILE A 163 11.79 4.65 -0.99
CA ILE A 163 10.57 3.86 -0.94
C ILE A 163 9.49 4.42 -1.85
N LYS A 164 8.73 3.53 -2.49
CA LYS A 164 7.60 3.96 -3.33
C LYS A 164 6.38 3.08 -3.10
N ILE A 165 5.24 3.72 -2.84
CA ILE A 165 3.98 3.01 -2.61
C ILE A 165 3.25 2.74 -3.93
N ILE A 166 2.92 1.47 -4.18
CA ILE A 166 2.31 1.07 -5.45
C ILE A 166 0.78 0.96 -5.37
N ASP A 167 0.15 1.00 -6.55
CA ASP A 167 -1.30 0.82 -6.72
C ASP A 167 -2.15 1.77 -5.88
N PHE A 168 -1.60 2.94 -5.58
CA PHE A 168 -2.28 3.89 -4.70
C PHE A 168 -3.57 4.40 -5.34
N GLY A 169 -4.70 4.01 -4.75
CA GLY A 169 -6.01 4.43 -5.22
C GLY A 169 -6.73 3.44 -6.13
N LEU A 170 -6.05 2.37 -6.52
CA LEU A 170 -6.61 1.40 -7.46
C LEU A 170 -7.71 0.51 -6.86
N SER A 171 -7.65 0.28 -5.55
CA SER A 171 -8.61 -0.60 -4.85
C SER A 171 -10.07 -0.13 -4.89
N THR A 172 -10.31 1.15 -5.12
CA THR A 172 -11.68 1.63 -5.29
C THR A 172 -12.21 1.33 -6.70
N CYS A 173 -11.29 1.18 -7.66
CA CYS A 173 -11.65 0.87 -9.03
C CYS A 173 -11.77 -0.62 -9.29
N PHE A 174 -10.87 -1.41 -8.70
CA PHE A 174 -10.75 -2.82 -9.02
C PHE A 174 -10.71 -3.73 -7.79
N GLN A 175 -11.37 -4.87 -7.91
CA GLN A 175 -11.40 -5.90 -6.89
C GLN A 175 -10.12 -6.74 -6.93
N GLN A 176 -9.57 -7.03 -5.74
CA GLN A 176 -8.31 -7.76 -5.62
C GLN A 176 -8.51 -9.27 -5.51
N ASN A 177 -7.41 -10.02 -5.50
CA ASN A 177 -7.42 -11.44 -5.18
C ASN A 177 -7.76 -11.63 -3.70
N THR A 178 -8.58 -12.64 -3.41
CA THR A 178 -9.02 -12.91 -2.05
C THR A 178 -8.88 -14.39 -1.66
N LYS A 179 -7.77 -15.01 -2.05
CA LYS A 179 -7.44 -16.37 -1.61
C LYS A 179 -7.00 -16.32 -0.15
N MET A 180 -6.88 -17.48 0.49
CA MET A 180 -6.47 -17.57 1.89
C MET A 180 -5.25 -16.68 2.18
N LYS A 181 -4.24 -16.80 1.31
CA LYS A 181 -2.99 -16.03 1.43
C LYS A 181 -3.24 -14.51 1.40
N ASP A 182 -4.11 -14.07 0.49
CA ASP A 182 -4.48 -12.65 0.36
C ASP A 182 -5.17 -12.13 1.61
N ARG A 183 -6.13 -12.92 2.11
CA ARG A 183 -6.99 -12.53 3.23
C ARG A 183 -6.23 -12.40 4.57
N ILE A 184 -5.33 -13.34 4.85
CA ILE A 184 -4.50 -13.26 6.06
C ILE A 184 -3.62 -12.01 6.03
N GLY A 185 -3.04 -11.70 4.88
CA GLY A 185 -2.18 -10.54 4.71
C GLY A 185 -2.93 -9.24 4.92
N THR A 186 -4.12 -9.15 4.33
CA THR A 186 -5.02 -8.02 4.52
C THR A 186 -5.42 -7.86 5.99
N ALA A 187 -5.63 -8.98 6.67
CA ALA A 187 -6.15 -9.01 8.04
C ALA A 187 -5.29 -8.29 9.08
N TYR A 188 -3.96 -8.40 8.95
CA TYR A 188 -3.02 -7.75 9.86
C TYR A 188 -3.15 -6.22 9.87
N TYR A 189 -3.42 -5.63 8.72
CA TYR A 189 -3.27 -4.18 8.53
C TYR A 189 -4.58 -3.40 8.47
N ILE A 190 -5.70 -4.12 8.38
CA ILE A 190 -7.00 -3.50 8.20
C ILE A 190 -7.47 -2.77 9.46
N ALA A 191 -7.98 -1.55 9.28
CA ALA A 191 -8.53 -0.75 10.38
C ALA A 191 -9.89 -1.28 10.83
N PRO A 192 -10.22 -1.10 12.13
CA PRO A 192 -11.50 -1.59 12.64
C PRO A 192 -12.73 -1.07 11.89
N GLU A 193 -12.73 0.21 11.48
CA GLU A 193 -13.87 0.80 10.76
C GLU A 193 -14.12 0.09 9.45
N VAL A 194 -13.03 -0.32 8.80
CA VAL A 194 -13.11 -0.95 7.48
C VAL A 194 -13.88 -2.27 7.58
N LEU A 195 -13.70 -2.98 8.70
CA LEU A 195 -14.50 -4.17 8.99
C LEU A 195 -15.95 -3.82 9.25
N ARG A 196 -16.20 -2.77 10.03
CA ARG A 196 -17.57 -2.32 10.32
C ARG A 196 -18.29 -1.75 9.09
N GLY A 197 -17.56 -1.51 8.01
CA GLY A 197 -18.16 -1.16 6.72
C GLY A 197 -17.96 0.26 6.22
N THR A 198 -17.04 1.01 6.84
CA THR A 198 -16.72 2.36 6.37
C THR A 198 -15.23 2.60 6.42
N TYR A 199 -14.78 3.56 5.61
CA TYR A 199 -13.39 3.96 5.57
C TYR A 199 -13.31 5.42 5.17
N ASP A 200 -12.25 6.08 5.62
CA ASP A 200 -11.85 7.37 5.09
C ASP A 200 -10.32 7.37 5.07
N GLU A 201 -9.69 8.54 5.05
CA GLU A 201 -8.22 8.63 5.00
C GLU A 201 -7.56 7.95 6.21
N LYS A 202 -8.25 7.97 7.35
CA LYS A 202 -7.68 7.49 8.61
C LYS A 202 -7.34 6.01 8.62
N CYS A 203 -7.85 5.25 7.66
CA CYS A 203 -7.54 3.81 7.61
C CYS A 203 -6.14 3.56 7.07
N ASP A 204 -5.62 4.53 6.31
CA ASP A 204 -4.23 4.48 5.84
C ASP A 204 -3.25 4.76 6.96
N VAL A 205 -3.64 5.59 7.92
CA VAL A 205 -2.80 5.89 9.07
C VAL A 205 -2.76 4.69 10.03
N TRP A 206 -3.89 4.02 10.19
CA TRP A 206 -3.93 2.80 10.99
C TRP A 206 -2.97 1.77 10.41
N SER A 207 -3.13 1.52 9.11
CA SER A 207 -2.32 0.53 8.42
C SER A 207 -0.82 0.85 8.54
N ALA A 208 -0.44 2.10 8.31
CA ALA A 208 0.96 2.54 8.49
C ALA A 208 1.45 2.35 9.93
N GLY A 209 0.55 2.51 10.89
CA GLY A 209 0.86 2.27 12.30
C GLY A 209 1.21 0.81 12.57
N VAL A 210 0.45 -0.09 11.97
CA VAL A 210 0.71 -1.53 12.08
C VAL A 210 2.07 -1.85 11.47
N ILE A 211 2.32 -1.31 10.27
CA ILE A 211 3.63 -1.46 9.62
C ILE A 211 4.74 -0.95 10.53
N LEU A 212 4.55 0.23 11.12
CA LEU A 212 5.56 0.80 12.00
C LEU A 212 5.82 -0.11 13.19
N TYR A 213 4.74 -0.62 13.78
CA TYR A 213 4.83 -1.57 14.88
C TYR A 213 5.68 -2.78 14.47
N ILE A 214 5.52 -3.25 13.23
CA ILE A 214 6.28 -4.39 12.72
C ILE A 214 7.74 -4.05 12.47
N LEU A 215 8.00 -2.87 11.90
CA LEU A 215 9.38 -2.44 11.63
C LEU A 215 10.25 -2.51 12.88
N LEU A 216 9.67 -2.13 14.02
CA LEU A 216 10.41 -2.03 15.27
C LEU A 216 10.49 -3.33 16.06
N SER A 217 9.40 -4.10 16.07
CA SER A 217 9.33 -5.32 16.89
C SER A 217 9.48 -6.62 16.09
N GLY A 218 9.16 -6.58 14.80
CA GLY A 218 9.19 -7.76 13.95
C GLY A 218 8.00 -8.67 14.23
N THR A 219 6.97 -8.07 14.82
CA THR A 219 5.79 -8.77 15.34
C THR A 219 4.53 -7.94 15.05
N PRO A 220 3.45 -8.59 14.58
CA PRO A 220 2.15 -7.93 14.38
C PRO A 220 1.52 -7.48 15.70
N PRO A 221 1.01 -6.24 15.75
CA PRO A 221 0.23 -5.79 16.90
C PRO A 221 -1.00 -6.66 17.10
N PHE A 222 -1.63 -7.08 16.00
CA PHE A 222 -2.80 -7.94 16.02
C PHE A 222 -2.46 -9.26 15.34
N TYR A 223 -2.40 -10.31 16.16
CA TYR A 223 -1.83 -11.60 15.76
C TYR A 223 -2.81 -12.77 15.79
N GLY A 224 -2.38 -13.90 15.25
CA GLY A 224 -3.23 -15.11 15.18
C GLY A 224 -2.79 -16.13 14.15
N LYS A 225 -3.13 -17.39 14.40
CA LYS A 225 -2.75 -18.51 13.53
C LYS A 225 -3.64 -18.65 12.28
N ASN A 226 -4.69 -17.84 12.21
CA ASN A 226 -5.58 -17.81 11.05
C ASN A 226 -6.24 -16.46 10.85
N GLU A 227 -6.91 -16.28 9.71
CA GLU A 227 -7.60 -15.04 9.37
C GLU A 227 -8.60 -14.61 10.45
N TYR A 228 -9.43 -15.56 10.91
CA TYR A 228 -10.46 -15.28 11.90
C TYR A 228 -9.89 -14.68 13.19
N ASP A 229 -8.87 -15.34 13.74
CA ASP A 229 -8.27 -14.93 15.02
C ASP A 229 -7.66 -13.54 14.98
N ILE A 230 -6.98 -13.23 13.88
CA ILE A 230 -6.39 -11.91 13.68
C ILE A 230 -7.49 -10.85 13.67
N LEU A 231 -8.55 -11.10 12.90
CA LEU A 231 -9.63 -10.13 12.72
C LEU A 231 -10.41 -9.84 14.00
N LYS A 232 -10.49 -10.84 14.89
CA LYS A 232 -11.12 -10.68 16.20
C LYS A 232 -10.33 -9.73 17.10
N ARG A 233 -9.01 -9.79 17.02
CA ARG A 233 -8.15 -8.89 17.80
C ARG A 233 -8.16 -7.47 17.25
N VAL A 234 -8.19 -7.35 15.93
CA VAL A 234 -8.33 -6.04 15.27
C VAL A 234 -9.63 -5.39 15.73
N GLU A 235 -10.70 -6.18 15.71
CA GLU A 235 -12.04 -5.74 16.10
C GLU A 235 -12.09 -5.08 17.48
N THR A 236 -11.36 -5.66 18.43
CA THR A 236 -11.29 -5.15 19.79
C THR A 236 -10.39 -3.92 19.87
N GLY A 237 -9.39 -3.86 18.98
CA GLY A 237 -8.46 -2.74 18.94
C GLY A 237 -7.41 -2.76 20.03
N LYS A 238 -7.35 -3.86 20.78
CA LYS A 238 -6.44 -3.97 21.92
C LYS A 238 -5.11 -4.60 21.52
N TYR A 239 -4.03 -3.92 21.87
CA TYR A 239 -2.68 -4.37 21.58
C TYR A 239 -1.78 -3.94 22.75
N ALA A 240 -0.55 -4.43 22.76
CA ALA A 240 0.36 -4.18 23.88
C ALA A 240 1.79 -3.88 23.46
N PHE A 241 2.49 -3.12 24.30
CA PHE A 241 3.93 -2.92 24.16
C PHE A 241 4.63 -3.78 25.21
N ASP A 242 4.16 -5.02 25.35
CA ASP A 242 4.58 -5.87 26.47
C ASP A 242 5.79 -6.76 26.18
N LEU A 243 6.07 -6.98 24.91
CA LEU A 243 7.17 -7.83 24.48
C LEU A 243 8.50 -7.17 24.86
N PRO A 244 9.46 -7.98 25.38
CA PRO A 244 10.79 -7.49 25.80
C PRO A 244 11.42 -6.55 24.76
N GLN A 245 11.25 -6.90 23.49
CA GLN A 245 11.64 -6.08 22.34
C GLN A 245 11.25 -4.60 22.42
N TRP A 246 10.18 -4.31 23.17
CA TRP A 246 9.73 -2.93 23.36
C TRP A 246 10.42 -2.20 24.52
N ARG A 247 11.07 -2.96 25.41
CA ARG A 247 11.66 -2.42 26.64
C ARG A 247 12.63 -1.25 26.43
N THR A 248 13.42 -1.29 25.36
CA THR A 248 14.40 -0.24 25.08
C THR A 248 14.09 0.61 23.84
N ILE A 249 12.82 0.63 23.44
CA ILE A 249 12.36 1.50 22.38
C ILE A 249 11.79 2.77 23.02
N SER A 250 11.99 3.92 22.35
CA SER A 250 11.70 5.24 22.92
C SER A 250 10.22 5.50 23.19
N ASP A 251 9.94 6.31 24.22
CA ASP A 251 8.59 6.75 24.53
C ASP A 251 7.93 7.42 23.32
N ASP A 252 8.71 8.20 22.58
CA ASP A 252 8.25 8.91 21.38
C ASP A 252 7.72 7.98 20.29
N ALA A 253 8.42 6.88 20.07
CA ALA A 253 8.02 5.88 19.07
C ALA A 253 6.72 5.23 19.46
N LYS A 254 6.60 4.91 20.76
CA LYS A 254 5.39 4.32 21.29
C LYS A 254 4.24 5.31 21.23
N ASP A 255 4.53 6.58 21.47
CA ASP A 255 3.54 7.64 21.39
C ASP A 255 2.96 7.74 19.98
N LEU A 256 3.84 7.75 18.99
CA LEU A 256 3.41 7.80 17.59
C LEU A 256 2.47 6.65 17.26
N ILE A 257 2.92 5.44 17.50
CA ILE A 257 2.12 4.24 17.28
C ILE A 257 0.76 4.29 18.00
N ARG A 258 0.76 4.78 19.24
CA ARG A 258 -0.48 4.94 20.02
C ARG A 258 -1.49 5.86 19.35
N LYS A 259 -0.99 6.97 18.81
CA LYS A 259 -1.83 7.95 18.14
C LYS A 259 -2.35 7.42 16.80
N MET A 260 -1.52 6.61 16.14
CA MET A 260 -1.87 6.02 14.86
C MET A 260 -2.78 4.81 15.00
N LEU A 261 -2.64 4.07 16.09
CA LEU A 261 -3.53 2.94 16.35
C LEU A 261 -4.68 3.32 17.30
N THR A 262 -5.04 4.61 17.31
CA THR A 262 -6.20 5.10 18.06
C THR A 262 -7.46 4.44 17.49
N PHE A 263 -8.31 3.93 18.38
CA PHE A 263 -9.46 3.14 17.96
C PHE A 263 -10.40 3.90 17.00
N HIS A 264 -10.96 5.03 17.47
CA HIS A 264 -11.86 5.83 16.64
C HIS A 264 -11.12 6.66 15.60
N PRO A 265 -11.49 6.52 14.31
CA PRO A 265 -10.82 7.22 13.21
C PRO A 265 -10.80 8.73 13.39
N SER A 266 -11.92 9.30 13.88
CA SER A 266 -12.02 10.73 14.16
C SER A 266 -11.03 11.21 15.22
N LEU A 267 -10.66 10.31 16.14
CA LEU A 267 -9.71 10.63 17.20
C LEU A 267 -8.29 10.24 16.80
N ARG A 268 -8.19 9.48 15.70
CA ARG A 268 -6.89 9.09 15.16
C ARG A 268 -6.19 10.27 14.52
N ILE A 269 -4.86 10.25 14.57
CA ILE A 269 -4.04 11.32 14.07
C ILE A 269 -4.03 11.31 12.54
N THR A 270 -3.86 12.48 11.92
CA THR A 270 -3.78 12.61 10.47
C THR A 270 -2.42 12.18 9.94
N ALA A 271 -2.29 12.07 8.62
CA ALA A 271 -1.01 11.73 7.99
C ALA A 271 0.03 12.85 8.13
N THR A 272 -0.44 14.11 8.14
CA THR A 272 0.44 15.26 8.31
C THR A 272 1.01 15.27 9.73
N GLN A 273 0.17 14.88 10.68
CA GLN A 273 0.58 14.79 12.08
C GLN A 273 1.60 13.67 12.30
N CYS A 274 1.51 12.61 11.50
CA CYS A 274 2.55 11.57 11.48
C CYS A 274 3.86 12.13 10.96
N LEU A 275 3.80 12.78 9.80
CA LEU A 275 4.97 13.35 9.14
C LEU A 275 5.69 14.33 10.06
N GLU A 276 4.96 14.88 11.02
CA GLU A 276 5.49 15.94 11.86
C GLU A 276 5.61 15.57 13.35
N HIS A 277 5.43 14.29 13.66
CA HIS A 277 5.62 13.80 15.03
C HIS A 277 7.09 13.94 15.44
N PRO A 278 7.34 14.37 16.70
CA PRO A 278 8.71 14.54 17.23
C PRO A 278 9.66 13.37 16.95
N TRP A 279 9.11 12.16 16.84
CA TRP A 279 9.89 10.96 16.56
C TRP A 279 10.48 10.93 15.16
N ILE A 280 9.69 11.36 14.18
CA ILE A 280 10.13 11.48 12.79
C ILE A 280 11.18 12.59 12.61
N GLN A 281 11.00 13.68 13.36
CA GLN A 281 11.89 14.84 13.27
C GLN A 281 13.27 14.57 13.89
N LYS A 282 13.30 13.72 14.90
CA LYS A 282 14.56 13.35 15.56
C LYS A 282 15.52 12.58 14.65
N TYR A 283 14.99 11.84 13.68
CA TYR A 283 15.84 11.03 12.79
C TYR A 283 15.92 11.55 11.34
N SER A 284 15.49 12.80 11.15
CA SER A 284 15.50 13.44 9.84
C SER A 284 16.53 14.57 9.78
#